data_9IQ3
#
_entry.id   9IQ3
#
_cell.length_a   74.167
_cell.length_b   74.167
_cell.length_c   108.275
_cell.angle_alpha   90.00
_cell.angle_beta   90.00
_cell.angle_gamma   90.00
#
_symmetry.space_group_name_H-M   'C 1 2 1'
#
loop_
_entity.id
_entity.type
_entity.pdbx_description
1 polymer AkaM
2 water water
#
_entity_poly.entity_id   1
_entity_poly.type   'polypeptide(L)'
_entity_poly.pdbx_seq_one_letter_code
;MSKEVVSLFFQASHDNDVETAMSCFAEDGIWVDPTGKVYERNEIKEYLVQQIGVLEDFHSQGVSVNYFDMVEAPDGRVYI
GASVKAADGTEIRRFLDVFEMRDGKIAVKDVFGKQKLAAALEHHHHHH
;
_entity_poly.pdbx_strand_id   A,B,C,D
#
# COMPACT_ATOMS: atom_id res chain seq x y z
N SER A 2 -26.62 15.16 -0.40
CA SER A 2 -25.52 14.17 -0.20
C SER A 2 -24.45 14.41 -1.25
N LYS A 3 -24.78 14.19 -2.52
CA LYS A 3 -23.83 14.49 -3.61
C LYS A 3 -23.58 15.99 -3.58
N GLU A 4 -24.59 16.75 -3.18
CA GLU A 4 -24.47 18.23 -3.11
C GLU A 4 -23.32 18.59 -2.17
N VAL A 5 -23.17 17.85 -1.08
CA VAL A 5 -22.03 18.09 -0.14
C VAL A 5 -20.73 17.79 -0.88
N VAL A 6 -20.71 16.72 -1.67
CA VAL A 6 -19.47 16.33 -2.39
C VAL A 6 -19.31 17.25 -3.60
N SER A 7 -20.42 17.73 -4.15
CA SER A 7 -20.33 18.59 -5.33
C SER A 7 -19.66 19.90 -4.96
N LEU A 8 -20.26 20.61 -3.99
CA LEU A 8 -19.81 21.92 -3.54
C LEU A 8 -18.33 21.86 -3.16
N PHE A 9 -17.96 20.85 -2.36
CA PHE A 9 -16.60 20.65 -1.87
C PHE A 9 -15.58 20.81 -3.01
N PHE A 10 -15.84 20.12 -4.13
CA PHE A 10 -14.95 20.13 -5.28
C PHE A 10 -14.92 21.52 -5.92
N GLN A 11 -16.11 22.07 -6.20
CA GLN A 11 -16.24 23.38 -6.80
C GLN A 11 -15.51 24.42 -5.95
N ALA A 12 -15.74 24.37 -4.64
CA ALA A 12 -15.10 25.27 -3.69
C ALA A 12 -13.59 25.09 -3.73
N SER A 13 -13.13 23.83 -3.81
CA SER A 13 -11.72 23.50 -3.84
C SER A 13 -11.07 24.00 -5.13
N HIS A 14 -11.89 24.15 -6.18
CA HIS A 14 -11.46 24.65 -7.47
C HIS A 14 -11.38 26.18 -7.44
N ASP A 15 -12.11 26.78 -6.49
CA ASP A 15 -12.27 28.22 -6.42
C ASP A 15 -11.50 28.79 -5.24
N ASN A 16 -10.62 27.96 -4.65
CA ASN A 16 -9.73 28.33 -3.55
C ASN A 16 -10.50 28.95 -2.40
N ASP A 17 -11.67 28.37 -2.09
CA ASP A 17 -12.48 28.81 -0.97
C ASP A 17 -12.40 27.77 0.13
N VAL A 18 -11.17 27.53 0.61
CA VAL A 18 -10.84 26.51 1.61
C VAL A 18 -11.94 26.45 2.67
N GLU A 19 -12.54 27.60 2.99
CA GLU A 19 -13.49 27.73 4.08
C GLU A 19 -14.71 26.84 3.82
N THR A 20 -15.37 27.04 2.68
CA THR A 20 -16.59 26.32 2.34
C THR A 20 -16.30 24.82 2.23
N ALA A 21 -15.14 24.49 1.65
CA ALA A 21 -14.72 23.11 1.48
C ALA A 21 -14.59 22.43 2.84
N MET A 22 -14.15 23.20 3.84
CA MET A 22 -13.92 22.69 5.18
C MET A 22 -15.24 22.59 5.93
N SER A 23 -16.25 23.34 5.44
CA SER A 23 -17.57 23.37 6.07
C SER A 23 -18.31 22.06 5.82
N CYS A 24 -18.03 21.44 4.66
CA CYS A 24 -18.71 20.23 4.23
C CYS A 24 -18.30 19.04 5.11
N PHE A 25 -17.22 19.22 5.89
CA PHE A 25 -16.70 18.20 6.78
C PHE A 25 -17.25 18.38 8.19
N ALA A 26 -17.59 17.24 8.82
CA ALA A 26 -17.90 17.17 10.24
C ALA A 26 -16.59 17.19 11.03
N GLU A 27 -16.66 17.54 12.32
CA GLU A 27 -15.48 17.71 13.14
C GLU A 27 -14.77 16.38 13.38
N ASP A 28 -15.49 15.27 13.13
CA ASP A 28 -14.92 13.93 13.22
C ASP A 28 -14.75 13.37 11.81
N GLY A 29 -14.77 14.25 10.81
CA GLY A 29 -14.49 13.89 9.43
C GLY A 29 -13.02 13.49 9.27
N ILE A 30 -12.77 12.49 8.42
CA ILE A 30 -11.42 12.02 8.17
C ILE A 30 -11.14 12.04 6.66
N TRP A 31 -9.86 11.86 6.32
CA TRP A 31 -9.41 11.77 4.94
C TRP A 31 -8.32 10.71 4.86
N VAL A 32 -8.62 9.61 4.18
CA VAL A 32 -7.72 8.47 4.07
C VAL A 32 -7.17 8.49 2.64
N ASP A 33 -5.85 8.41 2.50
CA ASP A 33 -5.23 8.53 1.19
C ASP A 33 -5.04 7.15 0.58
N PRO A 34 -4.64 7.04 -0.73
CA PRO A 34 -4.49 5.73 -1.38
C PRO A 34 -3.80 4.71 -0.48
N THR A 35 -2.84 5.20 0.33
CA THR A 35 -1.89 4.38 1.05
C THR A 35 -2.37 4.10 2.48
N GLY A 36 -3.52 4.69 2.84
CA GLY A 36 -4.25 4.30 4.04
C GLY A 36 -3.94 5.16 5.27
N LYS A 37 -3.29 6.31 5.05
CA LYS A 37 -2.96 7.23 6.14
C LYS A 37 -4.18 8.11 6.43
N VAL A 38 -4.54 8.20 7.72
CA VAL A 38 -5.73 8.91 8.15
C VAL A 38 -5.37 10.34 8.50
N TYR A 39 -6.13 11.30 7.96
CA TYR A 39 -6.00 12.71 8.28
C TYR A 39 -7.19 13.16 9.13
N GLU A 40 -6.91 13.62 10.35
CA GLU A 40 -7.95 14.10 11.24
C GLU A 40 -8.41 15.49 10.81
N ARG A 41 -9.51 15.94 11.39
CA ARG A 41 -10.11 17.24 11.10
C ARG A 41 -9.09 18.35 11.38
N ASN A 42 -8.09 18.01 12.20
CA ASN A 42 -6.97 18.88 12.54
C ASN A 42 -6.05 19.02 11.34
N GLU A 43 -5.94 17.93 10.57
CA GLU A 43 -4.89 17.73 9.59
C GLU A 43 -5.38 18.02 8.18
N ILE A 44 -6.72 18.07 8.00
CA ILE A 44 -7.35 18.18 6.69
C ILE A 44 -7.01 19.51 6.04
N LYS A 45 -7.13 20.61 6.79
CA LYS A 45 -7.03 21.95 6.22
C LYS A 45 -5.66 22.13 5.54
N GLU A 46 -4.58 21.76 6.24
CA GLU A 46 -3.24 21.81 5.69
C GLU A 46 -3.15 20.96 4.42
N TYR A 47 -3.65 19.72 4.51
CA TYR A 47 -3.51 18.73 3.44
C TYR A 47 -4.17 19.24 2.16
N LEU A 48 -5.40 19.76 2.30
CA LEU A 48 -6.22 20.21 1.20
C LEU A 48 -5.56 21.36 0.45
N VAL A 49 -4.75 22.16 1.17
CA VAL A 49 -4.03 23.28 0.58
C VAL A 49 -2.88 22.76 -0.27
N GLN A 50 -2.23 21.69 0.21
CA GLN A 50 -1.19 21.01 -0.54
C GLN A 50 -1.79 20.43 -1.81
N GLN A 51 -3.07 20.03 -1.71
CA GLN A 51 -3.74 19.24 -2.74
C GLN A 51 -4.18 20.13 -3.90
N ILE A 52 -4.67 21.33 -3.59
CA ILE A 52 -5.04 22.29 -4.62
C ILE A 52 -3.75 22.87 -5.21
N GLY A 53 -2.64 22.75 -4.46
CA GLY A 53 -1.32 23.15 -4.92
C GLY A 53 -0.77 22.19 -5.97
N VAL A 54 -1.20 20.92 -5.92
CA VAL A 54 -0.79 19.90 -6.85
C VAL A 54 -1.50 20.12 -8.18
N LEU A 55 -2.83 20.36 -8.11
CA LEU A 55 -3.67 20.54 -9.28
C LEU A 55 -3.20 21.74 -10.10
N GLU A 56 -2.70 22.77 -9.41
CA GLU A 56 -2.11 23.94 -10.06
C GLU A 56 -0.92 23.49 -10.91
N ASP A 57 -0.02 22.72 -10.30
CA ASP A 57 1.20 22.24 -10.94
C ASP A 57 0.84 21.38 -12.15
N PHE A 58 -0.33 20.73 -12.10
CA PHE A 58 -0.82 19.94 -13.23
C PHE A 58 -1.19 20.86 -14.38
N HIS A 59 -2.02 21.87 -14.09
CA HIS A 59 -2.50 22.81 -15.09
C HIS A 59 -1.34 23.60 -15.68
N SER A 60 -0.29 23.79 -14.88
CA SER A 60 0.90 24.53 -15.30
C SER A 60 1.72 23.71 -16.29
N GLN A 61 1.63 22.38 -16.19
CA GLN A 61 2.46 21.47 -16.96
C GLN A 61 1.65 20.79 -18.05
N GLY A 62 0.45 21.32 -18.32
CA GLY A 62 -0.40 20.83 -19.40
C GLY A 62 -1.06 19.48 -19.06
N VAL A 63 -0.58 18.86 -17.97
CA VAL A 63 -1.11 17.61 -17.45
C VAL A 63 -2.57 17.85 -17.06
N SER A 64 -3.47 17.09 -17.69
CA SER A 64 -4.90 17.34 -17.57
C SER A 64 -5.58 16.23 -16.75
N VAL A 65 -6.23 16.66 -15.66
CA VAL A 65 -7.09 15.80 -14.85
C VAL A 65 -8.44 15.70 -15.53
N ASN A 66 -8.93 14.47 -15.69
CA ASN A 66 -10.19 14.21 -16.36
C ASN A 66 -11.12 13.46 -15.43
N TYR A 67 -11.98 14.23 -14.73
CA TYR A 67 -13.00 13.70 -13.85
C TYR A 67 -14.07 12.99 -14.67
N PHE A 68 -14.84 12.12 -14.01
CA PHE A 68 -15.96 11.46 -14.66
C PHE A 68 -16.95 10.93 -13.63
N ASP A 69 -18.22 11.30 -13.83
CA ASP A 69 -19.38 10.55 -13.35
C ASP A 69 -19.43 10.54 -11.83
N MET A 70 -20.08 11.57 -11.27
CA MET A 70 -20.34 11.63 -9.84
C MET A 70 -21.74 11.04 -9.60
N VAL A 71 -21.82 10.04 -8.72
CA VAL A 71 -23.01 9.24 -8.54
C VAL A 71 -23.20 8.86 -7.07
N GLU A 72 -24.46 8.68 -6.68
CA GLU A 72 -24.82 8.35 -5.30
C GLU A 72 -25.29 6.91 -5.24
N ALA A 73 -24.69 6.15 -4.32
CA ALA A 73 -25.13 4.79 -4.00
C ALA A 73 -26.39 4.84 -3.13
N PRO A 74 -27.22 3.78 -3.13
CA PRO A 74 -28.47 3.77 -2.34
C PRO A 74 -28.30 4.06 -0.85
N ASP A 75 -27.09 3.81 -0.33
CA ASP A 75 -26.79 4.02 1.08
C ASP A 75 -26.42 5.49 1.32
N GLY A 76 -25.91 6.14 0.27
CA GLY A 76 -25.51 7.54 0.36
C GLY A 76 -24.05 7.78 -0.02
N ARG A 77 -23.31 6.69 -0.28
CA ARG A 77 -21.93 6.81 -0.73
C ARG A 77 -21.91 7.43 -2.13
N VAL A 78 -21.08 8.47 -2.30
CA VAL A 78 -20.99 9.19 -3.56
C VAL A 78 -19.63 8.90 -4.20
N TYR A 79 -19.67 8.32 -5.40
CA TYR A 79 -18.47 7.89 -6.10
C TYR A 79 -18.15 8.88 -7.20
N ILE A 80 -16.84 9.12 -7.39
CA ILE A 80 -16.30 9.86 -8.52
C ILE A 80 -14.95 9.25 -8.84
N GLY A 81 -14.53 9.38 -10.11
CA GLY A 81 -13.25 8.89 -10.55
C GLY A 81 -12.43 9.97 -11.24
N ALA A 82 -11.11 9.82 -11.18
CA ALA A 82 -10.17 10.76 -11.78
C ALA A 82 -9.18 10.01 -12.67
N SER A 83 -8.78 10.65 -13.76
CA SER A 83 -7.78 10.13 -14.67
C SER A 83 -6.78 11.24 -14.99
N VAL A 84 -5.50 10.98 -14.71
CA VAL A 84 -4.45 11.97 -14.87
C VAL A 84 -3.58 11.57 -16.07
N LYS A 85 -3.86 12.19 -17.22
CA LYS A 85 -3.09 12.00 -18.43
C LYS A 85 -2.10 13.14 -18.57
N ALA A 86 -0.98 12.87 -19.25
CA ALA A 86 0.04 13.87 -19.55
C ALA A 86 -0.46 14.83 -20.63
N ALA A 87 0.47 15.48 -21.32
CA ALA A 87 0.16 16.46 -22.35
C ALA A 87 -0.26 15.76 -23.64
N ASP A 88 0.26 14.55 -23.86
CA ASP A 88 0.02 13.80 -25.08
C ASP A 88 -1.27 12.99 -24.96
N GLY A 89 -1.69 12.72 -23.72
CA GLY A 89 -2.87 11.91 -23.47
C GLY A 89 -2.52 10.59 -22.78
N THR A 90 -1.22 10.38 -22.52
CA THR A 90 -0.74 9.19 -21.83
C THR A 90 -1.15 9.26 -20.36
N GLU A 91 -1.96 8.27 -19.94
CA GLU A 91 -2.49 8.19 -18.58
C GLU A 91 -1.38 7.73 -17.64
N ILE A 92 -1.05 8.59 -16.66
CA ILE A 92 0.03 8.32 -15.72
C ILE A 92 -0.53 7.69 -14.44
N ARG A 93 -1.75 8.10 -14.05
CA ARG A 93 -2.36 7.64 -12.82
C ARG A 93 -3.88 7.74 -12.91
N ARG A 94 -4.57 6.83 -12.19
CA ARG A 94 -5.99 6.91 -11.94
C ARG A 94 -6.22 7.02 -10.43
N PHE A 95 -7.34 7.63 -10.05
CA PHE A 95 -7.71 7.78 -8.65
C PHE A 95 -9.23 7.61 -8.54
N LEU A 96 -9.68 7.11 -7.38
CA LEU A 96 -11.10 7.07 -7.09
C LEU A 96 -11.38 7.48 -5.66
N ASP A 97 -12.56 8.08 -5.44
CA ASP A 97 -13.02 8.54 -4.14
C ASP A 97 -14.38 7.92 -3.81
N VAL A 98 -14.52 7.46 -2.55
CA VAL A 98 -15.80 7.09 -1.96
C VAL A 98 -16.02 7.99 -0.75
N PHE A 99 -17.20 8.61 -0.69
CA PHE A 99 -17.55 9.54 0.37
C PHE A 99 -18.64 8.93 1.25
N GLU A 100 -18.26 8.52 2.46
CA GLU A 100 -19.25 8.21 3.49
C GLU A 100 -19.83 9.51 4.03
N MET A 101 -21.16 9.64 3.92
CA MET A 101 -21.87 10.85 4.30
C MET A 101 -22.61 10.59 5.62
N ARG A 102 -22.71 11.63 6.46
CA ARG A 102 -23.33 11.52 7.77
C ARG A 102 -23.83 12.89 8.21
N ASP A 103 -25.16 12.96 8.46
CA ASP A 103 -25.82 14.14 9.01
C ASP A 103 -25.69 15.32 8.06
N GLY A 104 -25.61 15.04 6.75
CA GLY A 104 -25.44 16.06 5.73
C GLY A 104 -24.03 16.65 5.73
N LYS A 105 -23.08 15.87 6.26
CA LYS A 105 -21.68 16.26 6.34
C LYS A 105 -20.82 15.08 5.88
N ILE A 106 -19.63 15.39 5.35
CA ILE A 106 -18.66 14.37 4.97
C ILE A 106 -18.08 13.76 6.25
N ALA A 107 -18.18 12.44 6.36
CA ALA A 107 -17.60 11.73 7.50
C ALA A 107 -16.21 11.21 7.13
N VAL A 108 -16.09 10.64 5.92
CA VAL A 108 -14.86 10.05 5.44
C VAL A 108 -14.68 10.40 3.97
N LYS A 109 -13.47 10.87 3.62
CA LYS A 109 -13.03 10.88 2.23
C LYS A 109 -12.00 9.77 2.07
N ASP A 110 -12.24 8.87 1.10
CA ASP A 110 -11.47 7.65 0.97
C ASP A 110 -10.93 7.56 -0.45
N VAL A 111 -9.63 7.85 -0.60
CA VAL A 111 -9.00 7.87 -1.92
C VAL A 111 -8.29 6.54 -2.14
N PHE A 112 -8.53 5.94 -3.30
CA PHE A 112 -7.85 4.74 -3.78
C PHE A 112 -7.02 5.12 -5.00
N GLY A 113 -5.79 4.58 -5.09
CA GLY A 113 -4.86 4.95 -6.13
C GLY A 113 -4.56 3.81 -7.11
N LYS A 114 -4.44 4.16 -8.39
CA LYS A 114 -3.95 3.23 -9.40
C LYS A 114 -2.48 3.55 -9.68
N GLN A 115 -1.64 3.04 -8.78
CA GLN A 115 -0.19 3.14 -8.80
C GLN A 115 0.34 2.72 -10.17
N MET B 1 28.75 -15.91 1.83
CA MET B 1 27.74 -16.70 1.07
C MET B 1 26.43 -15.92 1.03
N SER B 2 25.86 -15.66 2.23
CA SER B 2 24.53 -15.06 2.37
C SER B 2 24.43 -13.77 1.57
N LYS B 3 25.36 -12.84 1.84
CA LYS B 3 25.43 -11.57 1.13
C LYS B 3 25.66 -11.80 -0.36
N GLU B 4 26.57 -12.75 -0.66
CA GLU B 4 27.07 -13.00 -2.01
C GLU B 4 25.93 -13.40 -2.93
N VAL B 5 24.98 -14.19 -2.42
CA VAL B 5 23.83 -14.63 -3.18
C VAL B 5 22.96 -13.41 -3.49
N VAL B 6 22.87 -12.48 -2.53
CA VAL B 6 22.02 -11.31 -2.63
C VAL B 6 22.70 -10.26 -3.49
N SER B 7 24.05 -10.24 -3.45
CA SER B 7 24.85 -9.29 -4.21
C SER B 7 24.70 -9.57 -5.71
N LEU B 8 25.05 -10.80 -6.10
CA LEU B 8 25.03 -11.25 -7.49
C LEU B 8 23.66 -10.97 -8.12
N PHE B 9 22.59 -11.36 -7.41
CA PHE B 9 21.21 -11.21 -7.85
C PHE B 9 20.97 -9.80 -8.41
N PHE B 10 21.39 -8.79 -7.63
CA PHE B 10 21.19 -7.39 -8.01
C PHE B 10 22.03 -7.04 -9.23
N GLN B 11 23.32 -7.37 -9.19
CA GLN B 11 24.25 -7.11 -10.27
C GLN B 11 23.72 -7.74 -11.55
N ALA B 12 23.30 -9.01 -11.45
CA ALA B 12 22.75 -9.74 -12.59
C ALA B 12 21.49 -9.05 -13.10
N SER B 13 20.64 -8.59 -12.17
CA SER B 13 19.39 -7.92 -12.51
C SER B 13 19.66 -6.57 -13.18
N HIS B 14 20.83 -6.00 -12.91
CA HIS B 14 21.26 -4.75 -13.51
C HIS B 14 21.82 -5.00 -14.91
N ASP B 15 22.23 -6.25 -15.16
CA ASP B 15 22.93 -6.62 -16.38
C ASP B 15 22.02 -7.46 -17.27
N ASN B 16 20.72 -7.48 -16.95
CA ASN B 16 19.69 -8.16 -17.72
C ASN B 16 20.05 -9.63 -17.97
N ASP B 17 20.60 -10.29 -16.94
CA ASP B 17 20.95 -11.70 -17.03
C ASP B 17 19.95 -12.48 -16.17
N VAL B 18 18.67 -12.37 -16.54
CA VAL B 18 17.55 -12.96 -15.82
C VAL B 18 17.92 -14.36 -15.30
N GLU B 19 18.75 -15.07 -16.08
CA GLU B 19 19.08 -16.46 -15.80
C GLU B 19 19.79 -16.58 -14.45
N THR B 20 20.91 -15.85 -14.29
CA THR B 20 21.71 -15.93 -13.09
C THR B 20 20.90 -15.47 -11.88
N ALA B 21 20.11 -14.43 -12.08
CA ALA B 21 19.27 -13.86 -11.03
C ALA B 21 18.28 -14.91 -10.53
N MET B 22 17.81 -15.76 -11.46
CA MET B 22 16.82 -16.79 -11.15
C MET B 22 17.51 -17.98 -10.50
N SER B 23 18.83 -18.09 -10.69
CA SER B 23 19.61 -19.19 -10.16
C SER B 23 19.77 -19.04 -8.64
N CYS B 24 19.79 -17.79 -8.17
CA CYS B 24 20.02 -17.47 -6.77
C CYS B 24 18.81 -17.90 -5.93
N PHE B 25 17.69 -18.19 -6.61
CA PHE B 25 16.45 -18.60 -5.96
C PHE B 25 16.34 -20.13 -5.92
N ALA B 26 15.85 -20.63 -4.78
CA ALA B 26 15.45 -22.02 -4.63
C ALA B 26 14.07 -22.20 -5.27
N GLU B 27 13.71 -23.45 -5.59
CA GLU B 27 12.46 -23.72 -6.32
C GLU B 27 11.25 -23.43 -5.45
N ASP B 28 11.46 -23.31 -4.13
CA ASP B 28 10.41 -22.93 -3.20
C ASP B 28 10.68 -21.51 -2.70
N GLY B 29 11.51 -20.78 -3.45
CA GLY B 29 11.73 -19.36 -3.21
C GLY B 29 10.47 -18.54 -3.50
N ILE B 30 10.24 -17.51 -2.68
CA ILE B 30 9.07 -16.65 -2.87
C ILE B 30 9.53 -15.19 -2.96
N TRP B 31 8.57 -14.34 -3.35
CA TRP B 31 8.80 -12.90 -3.43
C TRP B 31 7.52 -12.22 -2.96
N VAL B 32 7.60 -11.55 -1.81
CA VAL B 32 6.46 -10.88 -1.19
C VAL B 32 6.65 -9.39 -1.39
N ASP B 33 5.62 -8.70 -1.90
CA ASP B 33 5.74 -7.30 -2.24
C ASP B 33 5.30 -6.44 -1.05
N PRO B 34 5.51 -5.10 -1.08
CA PRO B 34 5.14 -4.25 0.06
C PRO B 34 3.77 -4.61 0.63
N THR B 35 2.85 -5.02 -0.24
CA THR B 35 1.43 -5.14 0.05
C THR B 35 1.08 -6.58 0.46
N GLY B 36 2.09 -7.47 0.41
CA GLY B 36 1.97 -8.78 1.03
C GLY B 36 1.55 -9.89 0.06
N LYS B 37 1.60 -9.61 -1.24
CA LYS B 37 1.24 -10.60 -2.26
C LYS B 37 2.44 -11.50 -2.53
N VAL B 38 2.21 -12.82 -2.49
CA VAL B 38 3.27 -13.82 -2.61
C VAL B 38 3.41 -14.22 -4.08
N TYR B 39 4.65 -14.20 -4.57
CA TYR B 39 4.99 -14.66 -5.90
C TYR B 39 5.76 -15.97 -5.81
N GLU B 40 5.19 -17.03 -6.40
CA GLU B 40 5.82 -18.33 -6.38
C GLU B 40 6.95 -18.37 -7.40
N ARG B 41 7.77 -19.43 -7.34
CA ARG B 41 8.91 -19.62 -8.22
C ARG B 41 8.44 -19.65 -9.67
N ASN B 42 7.14 -19.92 -9.85
CA ASN B 42 6.45 -19.92 -11.13
C ASN B 42 6.29 -18.49 -11.63
N GLU B 43 6.11 -17.56 -10.68
CA GLU B 43 5.63 -16.22 -10.95
C GLU B 43 6.78 -15.21 -10.93
N ILE B 44 7.92 -15.61 -10.38
CA ILE B 44 9.05 -14.71 -10.14
C ILE B 44 9.63 -14.20 -11.46
N LYS B 45 9.85 -15.12 -12.41
CA LYS B 45 10.57 -14.78 -13.63
C LYS B 45 9.87 -13.65 -14.38
N GLU B 46 8.55 -13.76 -14.55
CA GLU B 46 7.73 -12.73 -15.18
C GLU B 46 7.86 -11.42 -14.41
N TYR B 47 7.72 -11.49 -13.08
CA TYR B 47 7.67 -10.32 -12.23
C TYR B 47 8.96 -9.51 -12.33
N LEU B 48 10.09 -10.23 -12.25
CA LEU B 48 11.43 -9.65 -12.24
C LEU B 48 11.71 -8.91 -13.55
N VAL B 49 11.08 -9.36 -14.65
CA VAL B 49 11.24 -8.73 -15.95
C VAL B 49 10.48 -7.40 -15.96
N GLN B 50 9.31 -7.38 -15.31
CA GLN B 50 8.52 -6.17 -15.15
C GLN B 50 9.33 -5.19 -14.30
N GLN B 51 10.13 -5.73 -13.37
CA GLN B 51 10.79 -4.95 -12.34
C GLN B 51 12.03 -4.24 -12.89
N ILE B 52 12.77 -4.92 -13.75
CA ILE B 52 13.92 -4.30 -14.41
C ILE B 52 13.40 -3.33 -15.48
N GLY B 53 12.14 -3.54 -15.90
CA GLY B 53 11.46 -2.65 -16.83
C GLY B 53 11.10 -1.32 -16.19
N VAL B 54 10.88 -1.34 -14.87
CA VAL B 54 10.53 -0.15 -14.11
C VAL B 54 11.79 0.71 -13.92
N LEU B 55 12.90 0.07 -13.55
CA LEU B 55 14.16 0.73 -13.28
C LEU B 55 14.65 1.47 -14.52
N GLU B 56 14.39 0.89 -15.70
CA GLU B 56 14.69 1.51 -16.98
C GLU B 56 13.94 2.83 -17.09
N ASP B 57 12.62 2.78 -16.84
CA ASP B 57 11.75 3.92 -16.93
C ASP B 57 12.20 5.02 -15.96
N PHE B 58 12.83 4.61 -14.86
CA PHE B 58 13.39 5.55 -13.88
C PHE B 58 14.58 6.28 -14.49
N HIS B 59 15.53 5.50 -15.03
CA HIS B 59 16.75 6.05 -15.60
C HIS B 59 16.41 6.93 -16.81
N SER B 60 15.31 6.60 -17.48
CA SER B 60 14.87 7.33 -18.67
C SER B 60 14.30 8.69 -18.28
N GLN B 61 13.78 8.80 -17.05
CA GLN B 61 13.06 9.98 -16.59
C GLN B 61 13.90 10.75 -15.57
N GLY B 62 15.20 10.41 -15.49
CA GLY B 62 16.14 11.11 -14.62
C GLY B 62 15.93 10.77 -13.14
N VAL B 63 14.82 10.10 -12.85
CA VAL B 63 14.49 9.62 -11.52
C VAL B 63 15.57 8.64 -11.09
N SER B 64 16.26 8.96 -9.98
CA SER B 64 17.44 8.23 -9.56
C SER B 64 17.16 7.40 -8.31
N VAL B 65 17.38 6.09 -8.43
CA VAL B 65 17.33 5.16 -7.31
C VAL B 65 18.67 5.22 -6.59
N ASN B 66 18.62 5.37 -5.26
CA ASN B 66 19.80 5.51 -4.45
C ASN B 66 19.82 4.41 -3.39
N TYR B 67 20.51 3.30 -3.72
CA TYR B 67 20.72 2.18 -2.84
C TYR B 67 21.63 2.59 -1.69
N PHE B 68 21.60 1.82 -0.59
CA PHE B 68 22.49 2.06 0.52
C PHE B 68 22.60 0.83 1.41
N ASP B 69 23.85 0.43 1.67
CA ASP B 69 24.26 -0.35 2.83
C ASP B 69 23.62 -1.74 2.80
N MET B 70 24.32 -2.68 2.16
CA MET B 70 23.94 -4.08 2.17
C MET B 70 24.69 -4.75 3.32
N VAL B 71 23.94 -5.41 4.21
CA VAL B 71 24.48 -5.93 5.47
C VAL B 71 23.81 -7.26 5.82
N GLU B 72 24.57 -8.10 6.54
CA GLU B 72 24.12 -9.42 6.94
C GLU B 72 23.86 -9.44 8.44
N ALA B 73 22.65 -9.90 8.81
CA ALA B 73 22.29 -10.12 10.20
C ALA B 73 22.93 -11.43 10.69
N PRO B 74 23.15 -11.60 12.01
CA PRO B 74 23.79 -12.80 12.55
C PRO B 74 23.13 -14.13 12.15
N ASP B 75 21.84 -14.07 11.81
CA ASP B 75 21.08 -15.25 11.42
C ASP B 75 21.28 -15.54 9.94
N GLY B 76 21.61 -14.51 9.17
CA GLY B 76 21.85 -14.66 7.74
C GLY B 76 20.95 -13.76 6.89
N ARG B 77 20.02 -13.05 7.54
CA ARG B 77 19.16 -12.10 6.84
C ARG B 77 20.03 -10.94 6.32
N VAL B 78 19.89 -10.63 5.03
CA VAL B 78 20.67 -9.58 4.41
C VAL B 78 19.74 -8.41 4.07
N TYR B 79 20.06 -7.25 4.66
CA TYR B 79 19.24 -6.06 4.51
C TYR B 79 19.88 -5.10 3.51
N ILE B 80 19.02 -4.44 2.74
CA ILE B 80 19.40 -3.32 1.88
C ILE B 80 18.21 -2.37 1.82
N GLY B 81 18.50 -1.09 1.58
CA GLY B 81 17.46 -0.09 1.46
C GLY B 81 17.56 0.68 0.14
N ALA B 82 16.42 1.19 -0.32
CA ALA B 82 16.33 1.96 -1.55
C ALA B 82 15.62 3.28 -1.29
N SER B 83 16.05 4.33 -2.00
CA SER B 83 15.43 5.64 -1.95
C SER B 83 15.24 6.15 -3.37
N VAL B 84 14.00 6.46 -3.73
CA VAL B 84 13.65 6.86 -5.08
C VAL B 84 13.31 8.35 -5.07
N LYS B 85 14.30 9.18 -5.46
CA LYS B 85 14.12 10.61 -5.58
C LYS B 85 13.88 10.95 -7.05
N ALA B 86 13.17 12.07 -7.28
CA ALA B 86 12.91 12.59 -8.62
C ALA B 86 14.19 13.19 -9.20
N ALA B 87 14.01 14.09 -10.18
CA ALA B 87 15.12 14.73 -10.86
C ALA B 87 15.72 15.84 -9.99
N ASP B 88 14.87 16.44 -9.14
CA ASP B 88 15.26 17.57 -8.31
C ASP B 88 15.90 17.08 -7.01
N GLY B 89 15.58 15.83 -6.63
CA GLY B 89 16.07 15.26 -5.39
C GLY B 89 14.94 14.98 -4.40
N THR B 90 13.70 15.32 -4.80
CA THR B 90 12.52 15.07 -3.99
C THR B 90 12.23 13.58 -3.94
N GLU B 91 12.28 13.03 -2.71
CA GLU B 91 12.09 11.61 -2.46
C GLU B 91 10.61 11.27 -2.59
N ILE B 92 10.29 10.38 -3.54
CA ILE B 92 8.90 10.03 -3.83
C ILE B 92 8.53 8.75 -3.08
N ARG B 93 9.51 7.84 -2.90
CA ARG B 93 9.27 6.54 -2.27
C ARG B 93 10.57 6.01 -1.65
N ARG B 94 10.40 5.25 -0.56
CA ARG B 94 11.46 4.43 0.01
C ARG B 94 11.03 2.96 -0.06
N PHE B 95 12.01 2.07 -0.11
CA PHE B 95 11.77 0.63 -0.11
C PHE B 95 12.85 -0.05 0.72
N LEU B 96 12.50 -1.19 1.33
CA LEU B 96 13.48 -2.01 2.00
C LEU B 96 13.24 -3.49 1.70
N ASP B 97 14.34 -4.26 1.68
CA ASP B 97 14.32 -5.69 1.43
C ASP B 97 15.00 -6.44 2.58
N VAL B 98 14.37 -7.55 2.99
CA VAL B 98 14.96 -8.54 3.87
C VAL B 98 14.98 -9.86 3.12
N PHE B 99 16.16 -10.51 3.11
CA PHE B 99 16.35 -11.76 2.39
C PHE B 99 16.58 -12.89 3.38
N GLU B 100 15.56 -13.77 3.54
CA GLU B 100 15.77 -15.02 4.22
C GLU B 100 16.54 -15.97 3.31
N MET B 101 17.70 -16.43 3.80
CA MET B 101 18.61 -17.27 3.02
C MET B 101 18.50 -18.71 3.52
N ARG B 102 18.65 -19.67 2.61
CA ARG B 102 18.51 -21.08 2.93
C ARG B 102 19.28 -21.92 1.92
N ASP B 103 20.25 -22.71 2.43
CA ASP B 103 21.02 -23.67 1.66
C ASP B 103 21.83 -22.96 0.57
N GLY B 104 22.22 -21.71 0.85
CA GLY B 104 22.97 -20.90 -0.10
C GLY B 104 22.09 -20.40 -1.25
N LYS B 105 20.78 -20.36 -1.01
CA LYS B 105 19.80 -19.91 -1.98
C LYS B 105 18.82 -18.96 -1.29
N ILE B 106 18.24 -18.04 -2.08
CA ILE B 106 17.21 -17.14 -1.60
C ILE B 106 15.93 -17.93 -1.36
N ALA B 107 15.41 -17.86 -0.14
CA ALA B 107 14.15 -18.53 0.19
C ALA B 107 13.00 -17.55 0.05
N VAL B 108 13.21 -16.33 0.56
CA VAL B 108 12.19 -15.29 0.54
C VAL B 108 12.85 -13.96 0.19
N LYS B 109 12.24 -13.22 -0.76
CA LYS B 109 12.50 -11.81 -0.91
C LYS B 109 11.28 -11.04 -0.38
N ASP B 110 11.54 -10.13 0.56
CA ASP B 110 10.47 -9.50 1.32
C ASP B 110 10.62 -7.99 1.23
N VAL B 111 9.77 -7.37 0.40
CA VAL B 111 9.85 -5.94 0.16
C VAL B 111 8.83 -5.24 1.04
N PHE B 112 9.30 -4.19 1.73
CA PHE B 112 8.48 -3.29 2.52
C PHE B 112 8.51 -1.91 1.86
N GLY B 113 7.35 -1.25 1.78
CA GLY B 113 7.24 -0.01 1.04
C GLY B 113 6.92 1.18 1.96
N LYS B 114 7.55 2.33 1.65
CA LYS B 114 7.15 3.61 2.22
C LYS B 114 6.30 4.33 1.18
N GLN B 115 5.15 3.72 0.89
CA GLN B 115 4.25 4.08 -0.20
C GLN B 115 3.83 5.54 0.00
N SER C 2 25.96 3.47 18.34
CA SER C 2 24.85 3.49 17.36
C SER C 2 23.90 2.33 17.67
N LYS C 3 24.33 1.11 17.37
CA LYS C 3 23.49 -0.08 17.70
C LYS C 3 23.08 0.04 19.17
N GLU C 4 24.00 0.52 20.00
CA GLU C 4 23.70 0.70 21.44
C GLU C 4 22.51 1.65 21.58
N VAL C 5 22.58 2.81 20.93
CA VAL C 5 21.48 3.81 21.06
C VAL C 5 20.15 3.12 20.74
N VAL C 6 20.16 2.21 19.76
CA VAL C 6 18.90 1.51 19.36
C VAL C 6 18.65 0.33 20.30
N SER C 7 19.70 -0.20 20.94
CA SER C 7 19.56 -1.31 21.87
C SER C 7 18.82 -0.85 23.12
N LEU C 8 19.39 0.16 23.80
CA LEU C 8 18.87 0.71 25.04
C LEU C 8 17.39 1.08 24.88
N PHE C 9 17.08 1.81 23.80
CA PHE C 9 15.73 2.28 23.50
C PHE C 9 14.71 1.16 23.67
N PHE C 10 15.00 -0.01 23.08
CA PHE C 10 14.10 -1.16 23.13
C PHE C 10 14.01 -1.70 24.55
N GLN C 11 15.16 -1.94 25.18
CA GLN C 11 15.23 -2.46 26.54
C GLN C 11 14.45 -1.53 27.47
N ALA C 12 14.68 -0.23 27.34
CA ALA C 12 13.99 0.78 28.14
C ALA C 12 12.49 0.72 27.89
N SER C 13 12.11 0.55 26.62
CA SER C 13 10.71 0.50 26.21
C SER C 13 10.04 -0.76 26.75
N HIS C 14 10.85 -1.80 27.02
CA HIS C 14 10.39 -3.05 27.58
C HIS C 14 10.22 -2.92 29.10
N ASP C 15 10.92 -1.93 29.67
CA ASP C 15 11.00 -1.76 31.12
C ASP C 15 10.20 -0.54 31.56
N ASN C 16 9.37 -0.01 30.65
CA ASN C 16 8.47 1.10 30.89
C ASN C 16 9.22 2.30 31.48
N ASP C 17 10.41 2.57 30.95
CA ASP C 17 11.20 3.72 31.36
C ASP C 17 11.18 4.75 30.24
N VAL C 18 9.97 5.21 29.90
CA VAL C 18 9.70 6.13 28.81
C VAL C 18 10.80 7.19 28.72
N GLU C 19 11.34 7.58 29.88
CA GLU C 19 12.29 8.69 29.98
C GLU C 19 13.55 8.37 29.18
N THR C 20 14.19 7.24 29.50
CA THR C 20 15.46 6.87 28.86
C THR C 20 15.23 6.65 27.36
N ALA C 21 14.09 6.05 27.02
CA ALA C 21 13.74 5.78 25.62
C ALA C 21 13.65 7.09 24.85
N MET C 22 13.17 8.14 25.53
CA MET C 22 12.97 9.45 24.91
C MET C 22 14.31 10.19 24.83
N SER C 23 15.27 9.76 25.66
CA SER C 23 16.58 10.39 25.71
C SER C 23 17.39 10.05 24.47
N CYS C 24 17.14 8.85 23.91
CA CYS C 24 17.88 8.34 22.78
C CYS C 24 17.54 9.13 21.51
N PHE C 25 16.46 9.93 21.59
CA PHE C 25 15.99 10.73 20.48
C PHE C 25 16.55 12.16 20.57
N ALA C 26 16.93 12.71 19.42
CA ALA C 26 17.25 14.11 19.27
C ALA C 26 15.95 14.91 19.16
N GLU C 27 16.01 16.22 19.41
CA GLU C 27 14.81 17.06 19.46
C GLU C 27 14.18 17.20 18.06
N ASP C 28 14.96 16.86 17.03
CA ASP C 28 14.46 16.85 15.66
C ASP C 28 14.32 15.40 15.20
N GLY C 29 14.29 14.48 16.16
CA GLY C 29 14.03 13.07 15.88
C GLY C 29 12.58 12.87 15.43
N ILE C 30 12.39 11.95 14.48
CA ILE C 30 11.05 11.66 13.97
C ILE C 30 10.75 10.16 14.08
N TRP C 31 9.49 9.81 13.84
CA TRP C 31 9.04 8.43 13.82
C TRP C 31 8.01 8.29 12.71
N VAL C 32 8.37 7.54 11.66
CA VAL C 32 7.51 7.36 10.49
C VAL C 32 6.97 5.94 10.57
N ASP C 33 5.65 5.79 10.43
CA ASP C 33 5.01 4.50 10.63
C ASP C 33 4.89 3.78 9.28
N PRO C 34 4.49 2.48 9.25
CA PRO C 34 4.39 1.74 7.99
C PRO C 34 3.75 2.56 6.87
N THR C 35 2.78 3.41 7.26
CA THR C 35 1.87 4.07 6.34
C THR C 35 2.37 5.47 5.98
N GLY C 36 3.49 5.87 6.60
CA GLY C 36 4.25 7.04 6.16
C GLY C 36 3.91 8.32 6.93
N LYS C 37 3.21 8.18 8.06
CA LYS C 37 2.85 9.33 8.88
C LYS C 37 4.01 9.69 9.80
N VAL C 38 4.39 10.97 9.81
CA VAL C 38 5.55 11.43 10.55
C VAL C 38 5.11 11.90 11.93
N TYR C 39 5.82 11.42 12.96
CA TYR C 39 5.60 11.84 14.34
C TYR C 39 6.78 12.70 14.80
N GLU C 40 6.48 13.95 15.16
CA GLU C 40 7.50 14.88 15.62
C GLU C 40 7.87 14.54 17.06
N ARG C 41 8.96 15.16 17.53
CA ARG C 41 9.49 14.96 18.88
C ARG C 41 8.41 15.33 19.90
N ASN C 42 7.43 16.13 19.45
CA ASN C 42 6.27 16.54 20.22
C ASN C 42 5.33 15.35 20.41
N GLU C 43 5.29 14.49 19.38
CA GLU C 43 4.23 13.50 19.21
C GLU C 43 4.71 12.11 19.63
N ILE C 44 6.03 11.95 19.77
CA ILE C 44 6.65 10.65 20.00
C ILE C 44 6.24 10.08 21.36
N LYS C 45 6.29 10.90 22.41
CA LYS C 45 6.11 10.43 23.77
C LYS C 45 4.74 9.76 23.93
N GLU C 46 3.68 10.43 23.45
CA GLU C 46 2.34 9.88 23.46
C GLU C 46 2.29 8.56 22.69
N TYR C 47 2.86 8.56 21.48
CA TYR C 47 2.76 7.44 20.56
C TYR C 47 3.40 6.19 21.18
N LEU C 48 4.59 6.36 21.76
CA LEU C 48 5.39 5.29 22.32
C LEU C 48 4.66 4.62 23.48
N VAL C 49 3.83 5.39 24.19
CA VAL C 49 3.05 4.88 25.32
C VAL C 49 1.92 4.00 24.80
N GLN C 50 1.33 4.41 23.67
CA GLN C 50 0.31 3.62 22.99
C GLN C 50 0.94 2.32 22.52
N GLN C 51 2.23 2.39 22.18
CA GLN C 51 2.93 1.30 21.50
C GLN C 51 3.32 0.19 22.47
N ILE C 52 3.76 0.59 23.67
CA ILE C 52 4.07 -0.39 24.72
C ILE C 52 2.74 -0.94 25.26
N GLY C 53 1.66 -0.19 25.05
CA GLY C 53 0.32 -0.61 25.42
C GLY C 53 -0.20 -1.72 24.52
N VAL C 54 0.28 -1.74 23.26
CA VAL C 54 -0.10 -2.74 22.27
C VAL C 54 0.59 -4.05 22.61
N LEU C 55 1.90 -3.99 22.89
CA LEU C 55 2.73 -5.14 23.18
C LEU C 55 2.19 -5.90 24.40
N GLU C 56 1.65 -5.15 25.38
CA GLU C 56 1.00 -5.72 26.54
C GLU C 56 -0.17 -6.58 26.10
N ASP C 57 -1.03 -6.00 25.25
CA ASP C 57 -2.24 -6.65 24.76
C ASP C 57 -1.87 -7.91 23.99
N PHE C 58 -0.67 -7.92 23.38
CA PHE C 58 -0.17 -9.08 22.67
C PHE C 58 0.15 -10.20 23.66
N HIS C 59 0.94 -9.87 24.70
CA HIS C 59 1.37 -10.82 25.70
C HIS C 59 0.17 -11.37 26.46
N SER C 60 -0.88 -10.54 26.57
CA SER C 60 -2.09 -10.90 27.29
C SER C 60 -2.91 -11.91 26.49
N GLN C 61 -2.75 -11.88 25.15
CA GLN C 61 -3.58 -12.69 24.26
C GLN C 61 -2.76 -13.82 23.66
N GLY C 62 -1.58 -14.09 24.25
CA GLY C 62 -0.74 -15.20 23.84
C GLY C 62 -0.02 -14.94 22.51
N VAL C 63 -0.45 -13.88 21.82
CA VAL C 63 0.15 -13.43 20.58
C VAL C 63 1.61 -13.07 20.87
N SER C 64 2.54 -13.75 20.19
CA SER C 64 3.96 -13.63 20.51
C SER C 64 4.71 -12.89 19.41
N VAL C 65 5.36 -11.79 19.82
CA VAL C 65 6.26 -11.03 18.96
C VAL C 65 7.62 -11.73 18.98
N ASN C 66 8.18 -11.96 17.80
CA ASN C 66 9.44 -12.66 17.66
C ASN C 66 10.43 -11.76 16.92
N TYR C 67 11.22 -11.01 17.70
CA TYR C 67 12.29 -10.15 17.19
C TYR C 67 13.40 -11.01 16.60
N PHE C 68 14.23 -10.41 15.75
CA PHE C 68 15.40 -11.09 15.21
C PHE C 68 16.43 -10.10 14.67
N ASP C 69 17.67 -10.28 15.13
CA ASP C 69 18.88 -9.88 14.43
C ASP C 69 18.96 -8.36 14.30
N MET C 70 19.57 -7.72 15.31
CA MET C 70 19.87 -6.30 15.27
C MET C 70 21.28 -6.14 14.73
N VAL C 71 21.42 -5.31 13.67
CA VAL C 71 22.66 -5.20 12.91
C VAL C 71 22.87 -3.76 12.46
N GLU C 72 24.15 -3.38 12.31
CA GLU C 72 24.53 -2.04 11.91
C GLU C 72 25.08 -2.06 10.49
N ALA C 73 24.53 -1.21 9.63
CA ALA C 73 25.03 -0.99 8.28
C ALA C 73 26.30 -0.12 8.34
N PRO C 74 27.19 -0.19 7.33
CA PRO C 74 28.43 0.58 7.33
C PRO C 74 28.26 2.09 7.50
N ASP C 75 27.07 2.60 7.16
CA ASP C 75 26.79 4.03 7.26
C ASP C 75 26.33 4.36 8.68
N GLY C 76 25.78 3.37 9.38
CA GLY C 76 25.32 3.56 10.75
C GLY C 76 23.84 3.21 10.93
N ARG C 77 23.16 2.87 9.84
CA ARG C 77 21.76 2.44 9.90
C ARG C 77 21.71 1.09 10.62
N VAL C 78 20.83 1.00 11.63
CA VAL C 78 20.69 -0.20 12.43
C VAL C 78 19.34 -0.86 12.12
N TYR C 79 19.40 -2.09 11.61
CA TYR C 79 18.22 -2.82 11.18
C TYR C 79 17.83 -3.85 12.23
N ILE C 80 16.52 -4.03 12.39
CA ILE C 80 15.93 -5.09 13.19
C ILE C 80 14.60 -5.47 12.53
N GLY C 81 14.16 -6.71 12.72
CA GLY C 81 12.90 -7.17 12.19
C GLY C 81 12.01 -7.78 13.28
N ALA C 82 10.69 -7.72 13.05
CA ALA C 82 9.70 -8.26 13.97
C ALA C 82 8.75 -9.18 13.21
N SER C 83 8.28 -10.23 13.89
CA SER C 83 7.30 -11.16 13.36
C SER C 83 6.23 -11.43 14.41
N VAL C 84 4.97 -11.15 14.06
CA VAL C 84 3.87 -11.23 15.00
C VAL C 84 2.99 -12.42 14.61
N LYS C 85 3.21 -13.54 15.31
CA LYS C 85 2.43 -14.76 15.14
C LYS C 85 1.37 -14.82 16.23
N ALA C 86 0.26 -15.51 15.93
CA ALA C 86 -0.81 -15.75 16.88
C ALA C 86 -0.38 -16.78 17.92
N ALA C 87 -1.36 -17.44 18.55
CA ALA C 87 -1.11 -18.42 19.59
C ALA C 87 -0.66 -19.75 18.97
N ASP C 88 -1.13 -20.02 17.75
CA ASP C 88 -0.87 -21.28 17.07
C ASP C 88 0.48 -21.21 16.33
N GLY C 89 0.92 -20.00 16.02
CA GLY C 89 2.15 -19.78 15.26
C GLY C 89 1.88 -19.16 13.90
N THR C 90 0.59 -18.91 13.61
CA THR C 90 0.18 -18.28 12.36
C THR C 90 0.60 -16.80 12.38
N GLU C 91 1.45 -16.43 11.43
CA GLU C 91 2.02 -15.09 11.32
C GLU C 91 0.95 -14.15 10.76
N ILE C 92 0.60 -13.13 11.55
CA ILE C 92 -0.45 -12.19 11.17
C ILE C 92 0.18 -10.95 10.50
N ARG C 93 1.38 -10.58 10.95
CA ARG C 93 2.07 -9.39 10.44
C ARG C 93 3.58 -9.53 10.63
N ARG C 94 4.33 -8.89 9.72
CA ARG C 94 5.76 -8.64 9.89
C ARG C 94 5.99 -7.12 9.92
N PHE C 95 7.08 -6.71 10.57
CA PHE C 95 7.47 -5.32 10.64
C PHE C 95 8.99 -5.24 10.55
N LEU C 96 9.48 -4.12 10.01
CA LEU C 96 10.91 -3.85 10.01
C LEU C 96 11.18 -2.38 10.34
N ASP C 97 12.33 -2.14 10.98
CA ASP C 97 12.78 -0.82 11.38
C ASP C 97 14.16 -0.53 10.82
N VAL C 98 14.33 0.69 10.28
CA VAL C 98 15.63 1.26 9.94
C VAL C 98 15.82 2.52 10.77
N PHE C 99 16.97 2.62 11.44
CA PHE C 99 17.27 3.75 12.32
C PHE C 99 18.39 4.58 11.72
N GLU C 100 18.04 5.77 11.21
CA GLU C 100 19.05 6.76 10.88
C GLU C 100 19.57 7.39 12.17
N MET C 101 20.90 7.29 12.37
CA MET C 101 21.54 7.75 13.59
C MET C 101 22.29 9.04 13.29
N ARG C 102 22.36 9.93 14.28
CA ARG C 102 22.97 11.24 14.11
C ARG C 102 23.41 11.78 15.47
N ASP C 103 24.73 12.05 15.60
CA ASP C 103 25.33 12.68 16.75
C ASP C 103 25.13 11.82 18.00
N GLY C 104 25.06 10.49 17.82
CA GLY C 104 24.84 9.56 18.90
C GLY C 104 23.40 9.58 19.40
N LYS C 105 22.49 10.06 18.53
CA LYS C 105 21.07 10.15 18.83
C LYS C 105 20.28 9.62 17.64
N ILE C 106 19.07 9.10 17.93
CA ILE C 106 18.15 8.65 16.88
C ILE C 106 17.61 9.89 16.16
N ALA C 107 17.78 9.92 14.84
CA ALA C 107 17.23 11.00 14.03
C ALA C 107 15.88 10.58 13.47
N VAL C 108 15.79 9.34 12.98
CA VAL C 108 14.58 8.82 12.35
C VAL C 108 14.37 7.37 12.81
N LYS C 109 13.14 7.06 13.22
CA LYS C 109 12.69 5.67 13.30
C LYS C 109 11.72 5.45 12.14
N ASP C 110 12.01 4.43 11.32
CA ASP C 110 11.30 4.22 10.07
C ASP C 110 10.76 2.80 10.03
N VAL C 111 9.44 2.66 10.26
CA VAL C 111 8.81 1.36 10.34
C VAL C 111 8.16 1.05 9.00
N PHE C 112 8.44 -0.15 8.48
CA PHE C 112 7.83 -0.69 7.28
C PHE C 112 6.96 -1.89 7.69
N GLY C 113 5.76 -1.99 7.10
CA GLY C 113 4.80 -3.01 7.50
C GLY C 113 4.54 -4.03 6.39
N LYS C 114 4.40 -5.30 6.80
CA LYS C 114 3.98 -6.37 5.91
C LYS C 114 2.50 -6.65 6.14
N GLN C 115 1.69 -5.80 5.51
CA GLN C 115 0.24 -5.86 5.46
C GLN C 115 -0.20 -7.28 5.08
N MET D 1 -28.75 -3.12 -18.32
CA MET D 1 -27.71 -3.88 -19.06
C MET D 1 -26.38 -3.79 -18.33
N SER D 2 -25.88 -2.55 -18.19
CA SER D 2 -24.56 -2.27 -17.63
C SER D 2 -24.38 -2.95 -16.28
N LYS D 3 -25.30 -2.68 -15.35
CA LYS D 3 -25.30 -3.28 -14.02
C LYS D 3 -25.44 -4.79 -14.14
N GLU D 4 -26.35 -5.22 -15.02
CA GLU D 4 -26.77 -6.60 -15.15
C GLU D 4 -25.58 -7.50 -15.50
N VAL D 5 -24.69 -6.99 -16.37
CA VAL D 5 -23.50 -7.72 -16.77
C VAL D 5 -22.58 -7.87 -15.56
N VAL D 6 -22.54 -6.84 -14.71
CA VAL D 6 -21.66 -6.78 -13.56
C VAL D 6 -22.27 -7.60 -12.42
N SER D 7 -23.60 -7.64 -12.36
CA SER D 7 -24.33 -8.38 -11.34
C SER D 7 -24.10 -9.88 -11.50
N LEU D 8 -24.44 -10.39 -12.69
CA LEU D 8 -24.34 -11.80 -13.02
C LEU D 8 -22.93 -12.32 -12.74
N PHE D 9 -21.92 -11.58 -13.21
CA PHE D 9 -20.51 -11.93 -13.05
C PHE D 9 -20.21 -12.34 -11.62
N PHE D 10 -20.65 -11.52 -10.65
CA PHE D 10 -20.41 -11.76 -9.24
C PHE D 10 -21.16 -13.01 -8.77
N GLN D 11 -22.46 -13.06 -9.07
CA GLN D 11 -23.30 -14.19 -8.70
C GLN D 11 -22.70 -15.48 -9.24
N ALA D 12 -22.31 -15.46 -10.51
CA ALA D 12 -21.70 -16.60 -11.18
C ALA D 12 -20.40 -16.98 -10.47
N SER D 13 -19.61 -15.97 -10.10
CA SER D 13 -18.33 -16.17 -9.45
C SER D 13 -18.52 -16.75 -8.05
N HIS D 14 -19.70 -16.51 -7.47
CA HIS D 14 -20.06 -17.03 -6.16
C HIS D 14 -20.53 -18.47 -6.29
N ASP D 15 -20.94 -18.85 -7.51
CA ASP D 15 -21.57 -20.14 -7.75
C ASP D 15 -20.62 -21.04 -8.54
N ASN D 16 -19.35 -20.64 -8.62
CA ASN D 16 -18.27 -21.39 -9.26
C ASN D 16 -18.66 -21.79 -10.70
N ASP D 17 -19.29 -20.86 -11.42
CA ASP D 17 -19.65 -21.06 -12.81
C ASP D 17 -18.74 -20.21 -13.69
N VAL D 18 -17.42 -20.48 -13.58
CA VAL D 18 -16.37 -19.73 -14.25
C VAL D 18 -16.80 -19.36 -15.66
N GLU D 19 -17.59 -20.24 -16.30
CA GLU D 19 -17.96 -20.11 -17.70
C GLU D 19 -18.76 -18.82 -17.92
N THR D 20 -19.87 -18.68 -17.17
CA THR D 20 -20.77 -17.54 -17.34
C THR D 20 -20.03 -16.24 -16.99
N ALA D 21 -19.19 -16.31 -15.94
CA ALA D 21 -18.42 -15.16 -15.48
C ALA D 21 -17.49 -14.69 -16.60
N MET D 22 -16.97 -15.65 -17.39
CA MET D 22 -16.03 -15.37 -18.46
C MET D 22 -16.78 -14.86 -19.68
N SER D 23 -18.09 -15.15 -19.73
CA SER D 23 -18.93 -14.76 -20.86
C SER D 23 -19.18 -13.25 -20.84
N CYS D 24 -19.21 -12.68 -19.62
CA CYS D 24 -19.51 -11.27 -19.41
C CYS D 24 -18.38 -10.39 -19.94
N PHE D 25 -17.23 -11.02 -20.21
CA PHE D 25 -16.05 -10.33 -20.69
C PHE D 25 -15.97 -10.40 -22.22
N ALA D 26 -15.56 -9.28 -22.83
CA ALA D 26 -15.20 -9.21 -24.24
C ALA D 26 -13.79 -9.77 -24.40
N GLU D 27 -13.44 -10.16 -25.63
CA GLU D 27 -12.16 -10.82 -25.89
C GLU D 27 -10.99 -9.86 -25.70
N ASP D 28 -11.30 -8.55 -25.67
CA ASP D 28 -10.31 -7.53 -25.39
C ASP D 28 -10.55 -6.94 -24.00
N GLY D 29 -11.32 -7.69 -23.19
CA GLY D 29 -11.53 -7.35 -21.79
C GLY D 29 -10.24 -7.50 -20.98
N ILE D 30 -10.03 -6.59 -20.03
CA ILE D 30 -8.85 -6.63 -19.18
C ILE D 30 -9.27 -6.63 -17.70
N TRP D 31 -8.28 -6.89 -16.84
CA TRP D 31 -8.45 -6.84 -15.40
C TRP D 31 -7.19 -6.26 -14.79
N VAL D 32 -7.33 -5.05 -14.22
CA VAL D 32 -6.21 -4.33 -13.63
C VAL D 32 -6.37 -4.41 -12.11
N ASP D 33 -5.30 -4.81 -11.41
CA ASP D 33 -5.39 -5.06 -9.98
C ASP D 33 -4.99 -3.79 -9.23
N PRO D 34 -5.18 -3.73 -7.88
CA PRO D 34 -4.84 -2.53 -7.11
C PRO D 34 -3.52 -1.91 -7.54
N THR D 35 -2.56 -2.78 -7.90
CA THR D 35 -1.16 -2.42 -8.08
C THR D 35 -0.85 -2.10 -9.54
N GLY D 36 -1.86 -2.25 -10.41
CA GLY D 36 -1.82 -1.72 -11.76
C GLY D 36 -1.37 -2.74 -12.81
N LYS D 37 -1.34 -4.03 -12.45
CA LYS D 37 -0.95 -5.08 -13.36
C LYS D 37 -2.16 -5.48 -14.22
N VAL D 38 -1.94 -5.52 -15.55
CA VAL D 38 -3.01 -5.77 -16.50
C VAL D 38 -3.08 -7.26 -16.80
N TYR D 39 -4.29 -7.83 -16.71
CA TYR D 39 -4.55 -9.21 -17.06
C TYR D 39 -5.34 -9.29 -18.36
N GLU D 40 -4.76 -9.91 -19.38
CA GLU D 40 -5.42 -10.05 -20.67
C GLU D 40 -6.48 -11.15 -20.59
N ARG D 41 -7.31 -11.21 -21.64
CA ARG D 41 -8.40 -12.18 -21.73
C ARG D 41 -7.84 -13.60 -21.66
N ASN D 42 -6.53 -13.71 -21.95
CA ASN D 42 -5.77 -14.95 -21.85
C ASN D 42 -5.57 -15.32 -20.38
N GLU D 43 -5.42 -14.29 -19.54
CA GLU D 43 -4.89 -14.41 -18.20
C GLU D 43 -6.01 -14.38 -17.16
N ILE D 44 -7.20 -13.94 -17.58
CA ILE D 44 -8.33 -13.69 -16.67
C ILE D 44 -8.81 -15.00 -16.05
N LYS D 45 -8.98 -16.04 -16.87
CA LYS D 45 -9.61 -17.27 -16.41
C LYS D 45 -8.83 -17.88 -15.25
N GLU D 46 -7.50 -17.98 -15.40
CA GLU D 46 -6.63 -18.47 -14.34
C GLU D 46 -6.79 -17.60 -13.08
N TYR D 47 -6.72 -16.28 -13.27
CA TYR D 47 -6.69 -15.33 -12.16
C TYR D 47 -7.96 -15.46 -11.32
N LEU D 48 -9.12 -15.51 -12.00
CA LEU D 48 -10.44 -15.54 -11.40
C LEU D 48 -10.61 -16.79 -10.54
N VAL D 49 -9.93 -17.88 -10.92
CA VAL D 49 -9.98 -19.13 -10.18
C VAL D 49 -9.20 -18.99 -8.88
N GLN D 50 -8.07 -18.28 -8.95
CA GLN D 50 -7.27 -17.97 -7.77
C GLN D 50 -8.10 -17.10 -6.83
N GLN D 51 -8.97 -16.27 -7.43
CA GLN D 51 -9.68 -15.21 -6.72
C GLN D 51 -10.86 -15.76 -5.93
N ILE D 52 -11.58 -16.74 -6.52
CA ILE D 52 -12.65 -17.40 -5.82
C ILE D 52 -12.05 -18.35 -4.79
N GLY D 53 -10.77 -18.71 -4.99
CA GLY D 53 -10.02 -19.52 -4.05
C GLY D 53 -9.66 -18.74 -2.78
N VAL D 54 -9.52 -17.42 -2.92
CA VAL D 54 -9.20 -16.53 -1.81
C VAL D 54 -10.44 -16.36 -0.94
N LEU D 55 -11.59 -16.11 -1.57
CA LEU D 55 -12.85 -15.87 -0.88
C LEU D 55 -13.24 -17.07 -0.04
N GLU D 56 -12.91 -18.28 -0.53
CA GLU D 56 -13.11 -19.52 0.20
C GLU D 56 -12.32 -19.46 1.51
N ASP D 57 -11.03 -19.13 1.39
CA ASP D 57 -10.11 -19.07 2.52
C ASP D 57 -10.61 -18.04 3.54
N PHE D 58 -11.32 -17.02 3.07
CA PHE D 58 -11.91 -16.00 3.93
C PHE D 58 -13.04 -16.63 4.75
N HIS D 59 -13.97 -17.28 4.05
CA HIS D 59 -15.14 -17.89 4.68
C HIS D 59 -14.70 -18.99 5.65
N SER D 60 -13.56 -19.62 5.34
CA SER D 60 -13.03 -20.71 6.16
C SER D 60 -12.45 -20.17 7.46
N GLN D 61 -12.01 -18.90 7.44
CA GLN D 61 -11.30 -18.31 8.56
C GLN D 61 -12.17 -17.28 9.26
N GLY D 62 -13.48 -17.31 8.96
CA GLY D 62 -14.46 -16.45 9.62
C GLY D 62 -14.37 -15.00 9.15
N VAL D 63 -13.29 -14.68 8.42
CA VAL D 63 -13.07 -13.38 7.82
C VAL D 63 -14.22 -13.11 6.85
N SER D 64 -14.96 -12.03 7.10
CA SER D 64 -16.18 -11.75 6.37
C SER D 64 -16.02 -10.56 5.44
N VAL D 65 -16.26 -10.81 4.14
CA VAL D 65 -16.32 -9.78 3.12
C VAL D 65 -17.71 -9.15 3.16
N ASN D 66 -17.73 -7.81 3.20
CA ASN D 66 -18.99 -7.07 3.30
C ASN D 66 -19.09 -6.11 2.12
N TYR D 67 -19.78 -6.59 1.07
CA TYR D 67 -20.07 -5.81 -0.14
C TYR D 67 -21.05 -4.69 0.21
N PHE D 68 -21.11 -3.66 -0.65
CA PHE D 68 -22.07 -2.60 -0.48
C PHE D 68 -22.27 -1.82 -1.79
N ASP D 69 -23.55 -1.68 -2.18
CA ASP D 69 -24.03 -0.60 -3.03
C ASP D 69 -23.43 -0.70 -4.43
N MET D 70 -24.10 -1.46 -5.30
CA MET D 70 -23.74 -1.53 -6.71
C MET D 70 -24.58 -0.49 -7.45
N VAL D 71 -23.91 0.39 -8.20
CA VAL D 71 -24.52 1.56 -8.80
C VAL D 71 -23.91 1.85 -10.16
N GLU D 72 -24.73 2.46 -11.05
CA GLU D 72 -24.32 2.76 -12.41
C GLU D 72 -24.17 4.28 -12.55
N ALA D 73 -23.00 4.70 -13.05
CA ALA D 73 -22.72 6.08 -13.41
C ALA D 73 -23.42 6.41 -14.72
N PRO D 74 -23.73 7.71 -15.00
CA PRO D 74 -24.42 8.10 -16.23
C PRO D 74 -23.76 7.64 -17.52
N ASP D 75 -22.44 7.38 -17.47
CA ASP D 75 -21.68 6.96 -18.64
C ASP D 75 -21.80 5.45 -18.81
N GLY D 76 -22.06 4.74 -17.71
CA GLY D 76 -22.21 3.29 -17.74
C GLY D 76 -21.25 2.58 -16.80
N ARG D 77 -20.34 3.33 -16.16
CA ARG D 77 -19.44 2.76 -15.17
C ARG D 77 -20.24 2.29 -13.96
N VAL D 78 -20.00 1.05 -13.55
CA VAL D 78 -20.72 0.45 -12.43
C VAL D 78 -19.76 0.28 -11.26
N TYR D 79 -20.09 0.93 -10.14
CA TYR D 79 -19.24 0.95 -8.96
C TYR D 79 -19.80 -0.01 -7.91
N ILE D 80 -18.88 -0.67 -7.22
CA ILE D 80 -19.18 -1.47 -6.04
C ILE D 80 -17.97 -1.36 -5.11
N GLY D 81 -18.22 -1.52 -3.80
CA GLY D 81 -17.16 -1.50 -2.82
C GLY D 81 -17.16 -2.75 -1.95
N ALA D 82 -15.99 -3.11 -1.43
CA ALA D 82 -15.80 -4.27 -0.57
C ALA D 82 -15.07 -3.84 0.70
N SER D 83 -15.43 -4.50 1.81
CA SER D 83 -14.79 -4.29 3.10
C SER D 83 -14.49 -5.64 3.73
N VAL D 84 -13.21 -5.87 4.03
CA VAL D 84 -12.75 -7.15 4.54
C VAL D 84 -12.39 -6.99 6.02
N LYS D 85 -13.32 -7.37 6.89
CA LYS D 85 -13.12 -7.37 8.33
C LYS D 85 -12.75 -8.78 8.78
N ALA D 86 -12.02 -8.87 9.89
CA ALA D 86 -11.64 -10.13 10.50
C ALA D 86 -12.84 -10.76 11.19
N ALA D 87 -12.57 -11.64 12.16
CA ALA D 87 -13.62 -12.34 12.88
C ALA D 87 -14.26 -11.44 13.94
N ASP D 88 -13.47 -10.48 14.45
CA ASP D 88 -13.89 -9.59 15.51
C ASP D 88 -14.64 -8.39 14.94
N GLY D 89 -14.39 -8.09 13.66
CA GLY D 89 -14.98 -6.94 13.00
C GLY D 89 -13.94 -5.89 12.62
N THR D 90 -12.67 -6.17 12.94
CA THR D 90 -11.56 -5.30 12.61
C THR D 90 -11.31 -5.34 11.10
N GLU D 91 -11.47 -4.18 10.46
CA GLU D 91 -11.31 -4.02 9.02
C GLU D 91 -9.83 -4.07 8.66
N ILE D 92 -9.46 -5.07 7.85
CA ILE D 92 -8.07 -5.28 7.48
C ILE D 92 -7.77 -4.61 6.14
N ARG D 93 -8.77 -4.58 5.24
CA ARG D 93 -8.62 -4.05 3.90
C ARG D 93 -9.96 -3.58 3.36
N ARG D 94 -9.90 -2.55 2.50
CA ARG D 94 -11.01 -2.15 1.65
C ARG D 94 -10.60 -2.31 0.19
N PHE D 95 -11.59 -2.52 -0.68
CA PHE D 95 -11.37 -2.64 -2.12
C PHE D 95 -12.51 -1.95 -2.84
N LEU D 96 -12.21 -1.41 -4.03
CA LEU D 96 -13.26 -0.87 -4.89
C LEU D 96 -13.01 -1.27 -6.33
N ASP D 97 -14.12 -1.42 -7.07
CA ASP D 97 -14.11 -1.78 -8.48
C ASP D 97 -14.88 -0.74 -9.30
N VAL D 98 -14.30 -0.38 -10.45
CA VAL D 98 -14.98 0.38 -11.49
C VAL D 98 -14.98 -0.48 -12.75
N PHE D 99 -16.16 -0.63 -13.36
CA PHE D 99 -16.33 -1.46 -14.54
C PHE D 99 -16.64 -0.58 -15.75
N GLU D 100 -15.67 -0.45 -16.65
CA GLU D 100 -15.94 0.14 -17.96
C GLU D 100 -16.68 -0.90 -18.80
N MET D 101 -17.87 -0.53 -19.28
CA MET D 101 -18.74 -1.43 -20.03
C MET D 101 -18.70 -1.03 -21.50
N ARG D 102 -18.81 -2.03 -22.38
CA ARG D 102 -18.73 -1.81 -23.82
C ARG D 102 -19.46 -2.93 -24.55
N ASP D 103 -20.48 -2.54 -25.33
CA ASP D 103 -21.23 -3.43 -26.21
C ASP D 103 -21.94 -4.52 -25.40
N GLY D 104 -22.32 -4.18 -24.17
CA GLY D 104 -22.99 -5.10 -23.27
C GLY D 104 -22.03 -6.15 -22.72
N LYS D 105 -20.73 -5.82 -22.73
CA LYS D 105 -19.67 -6.69 -22.24
C LYS D 105 -18.73 -5.87 -21.37
N ILE D 106 -18.06 -6.53 -20.41
CA ILE D 106 -17.06 -5.92 -19.57
C ILE D 106 -15.81 -5.67 -20.42
N ALA D 107 -15.36 -4.41 -20.46
CA ALA D 107 -14.15 -4.06 -21.18
C ALA D 107 -12.97 -4.04 -20.21
N VAL D 108 -13.17 -3.46 -19.02
CA VAL D 108 -12.14 -3.32 -18.01
C VAL D 108 -12.74 -3.60 -16.64
N LYS D 109 -12.06 -4.44 -15.85
CA LYS D 109 -12.28 -4.48 -14.41
C LYS D 109 -11.08 -3.82 -13.74
N ASP D 110 -11.37 -2.81 -12.90
CA ASP D 110 -10.34 -1.94 -12.35
C ASP D 110 -10.46 -1.93 -10.83
N VAL D 111 -9.55 -2.65 -10.17
CA VAL D 111 -9.59 -2.79 -8.73
C VAL D 111 -8.60 -1.81 -8.11
N PHE D 112 -9.10 -1.07 -7.11
CA PHE D 112 -8.29 -0.17 -6.29
C PHE D 112 -8.26 -0.71 -4.86
N GLY D 113 -7.08 -0.66 -4.23
CA GLY D 113 -6.89 -1.27 -2.92
C GLY D 113 -6.60 -0.24 -1.82
N LYS D 114 -7.21 -0.47 -0.65
CA LYS D 114 -6.93 0.34 0.54
C LYS D 114 -5.98 -0.45 1.43
N GLN D 115 -4.70 -0.38 1.05
CA GLN D 115 -3.59 -1.03 1.72
C GLN D 115 -3.59 -0.63 3.20
#